data_9G1H
#
_entry.id   9G1H
#
_cell.length_a   71.480
_cell.length_b   91.590
_cell.length_c   45.250
_cell.angle_alpha   90.000
_cell.angle_beta   90.000
_cell.angle_gamma   90.000
#
_symmetry.space_group_name_H-M   'P 21 21 2'
#
loop_
_entity.id
_entity.type
_entity.pdbx_description
1 polymer 'Fosfomycin resistance protein'
2 non-polymer 'MANGANESE (II) ION'
3 non-polymer ~{N},~{N}-diethyl-2-(4-nitrophenoxy)ethanamine
4 water water
#
_entity_poly.entity_id   1
_entity_poly.type   'polypeptide(L)'
_entity_poly.pdbx_seq_one_letter_code
;MLSGLNHLTLAVSQLAPSVAFYQQLLGMTLHARWDSGAYLSCGDLWLCLSLDPQRRVTPPEESDYTHYAFSISEADFASF
AARLEAAGVAVWKLNRSEGASHYFLDPDGHKLELHVGSLAQRLAACREQPYKGMVFFEQHHHHHH
;
_entity_poly.pdbx_strand_id   A,B
#
loop_
_chem_comp.id
_chem_comp.type
_chem_comp.name
_chem_comp.formula
MN non-polymer 'MANGANESE (II) ION' 'Mn 2'
VOB non-polymer ~{N},~{N}-diethyl-2-(4-nitrophenoxy)ethanamine 'C12 H18 N2 O3 4'
#
# COMPACT_ATOMS: atom_id res chain seq x y z
N MET A 1 10.03 6.71 -15.57
CA MET A 1 10.33 5.39 -14.94
C MET A 1 10.00 5.42 -13.46
N LEU A 2 9.09 4.55 -13.03
CA LEU A 2 8.77 4.43 -11.63
C LEU A 2 9.85 3.61 -10.92
N SER A 3 10.18 4.00 -9.70
CA SER A 3 11.32 3.40 -9.01
C SER A 3 10.96 2.71 -7.70
N GLY A 4 9.69 2.64 -7.35
CA GLY A 4 9.26 2.00 -6.12
C GLY A 4 8.12 2.77 -5.50
N LEU A 5 7.81 2.41 -4.25
CA LEU A 5 6.76 3.07 -3.50
C LEU A 5 7.33 4.30 -2.82
N ASN A 6 6.69 5.44 -3.04
CA ASN A 6 7.12 6.69 -2.42
C ASN A 6 6.52 6.82 -1.02
N HIS A 7 5.21 6.58 -0.90
CA HIS A 7 4.55 6.58 0.40
C HIS A 7 3.25 5.80 0.31
N LEU A 8 2.77 5.38 1.48
CA LEU A 8 1.50 4.71 1.68
C LEU A 8 0.69 5.60 2.60
N THR A 9 -0.51 5.98 2.17
CA THR A 9 -1.40 6.80 2.99
C THR A 9 -2.64 6.01 3.35
N LEU A 10 -2.89 5.89 4.64
CA LEU A 10 -4.08 5.22 5.15
C LEU A 10 -5.05 6.27 5.69
N ALA A 11 -6.31 6.17 5.28
CA ALA A 11 -7.35 7.00 5.86
C ALA A 11 -7.75 6.39 7.21
N VAL A 12 -7.85 7.23 8.23
CA VAL A 12 -8.21 6.77 9.56
C VAL A 12 -9.37 7.61 10.10
N SER A 13 -10.19 6.99 10.94
CA SER A 13 -11.36 7.67 11.49
C SER A 13 -11.04 8.48 12.74
N GLN A 14 -10.02 8.06 13.50
CA GLN A 14 -9.63 8.74 14.73
C GLN A 14 -8.11 8.71 14.79
N LEU A 15 -7.51 9.89 14.85
CA LEU A 15 -6.05 9.95 14.70
C LEU A 15 -5.34 9.31 15.89
N ALA A 16 -5.73 9.65 17.12
CA ALA A 16 -4.95 9.24 18.27
C ALA A 16 -4.84 7.72 18.40
N PRO A 17 -5.93 6.94 18.36
N PRO A 17 -5.93 6.95 18.29
CA PRO A 17 -5.76 5.48 18.45
CA PRO A 17 -5.82 5.49 18.38
C PRO A 17 -4.92 4.91 17.33
C PRO A 17 -5.01 4.89 17.24
N SER A 18 -4.99 5.48 16.14
N SER A 18 -5.01 5.52 16.07
CA SER A 18 -4.22 4.95 15.02
CA SER A 18 -4.23 4.99 14.96
C SER A 18 -2.73 5.24 15.19
C SER A 18 -2.74 5.25 15.17
N VAL A 19 -2.38 6.45 15.63
CA VAL A 19 -0.97 6.73 15.90
C VAL A 19 -0.47 5.77 16.98
N ALA A 20 -1.27 5.54 18.01
CA ALA A 20 -0.87 4.62 19.07
C ALA A 20 -0.65 3.22 18.53
N PHE A 21 -1.52 2.77 17.63
CA PHE A 21 -1.37 1.43 17.07
C PHE A 21 -0.05 1.30 16.31
N TYR A 22 0.22 2.23 15.40
CA TYR A 22 1.39 2.11 14.54
C TYR A 22 2.68 2.39 15.29
N GLN A 23 2.66 3.35 16.21
CA GLN A 23 3.87 3.70 16.95
C GLN A 23 4.07 2.80 18.17
N GLN A 24 3.08 2.74 19.07
CA GLN A 24 3.28 2.04 20.33
C GLN A 24 3.24 0.52 20.16
N LEU A 25 2.33 0.02 19.34
CA LEU A 25 2.21 -1.43 19.23
C LEU A 25 3.13 -1.97 18.13
N LEU A 26 3.09 -1.37 16.95
CA LEU A 26 3.92 -1.91 15.87
C LEU A 26 5.36 -1.38 15.88
N GLY A 27 5.64 -0.33 16.65
CA GLY A 27 7.03 0.10 16.78
C GLY A 27 7.55 0.98 15.68
N MET A 28 6.68 1.54 14.85
CA MET A 28 7.16 2.45 13.82
C MET A 28 7.60 3.78 14.43
N THR A 29 8.41 4.51 13.68
CA THR A 29 8.97 5.76 14.16
C THR A 29 8.03 6.90 13.81
N LEU A 30 7.65 7.69 14.80
CA LEU A 30 6.76 8.82 14.61
C LEU A 30 7.61 10.06 14.39
N HIS A 31 7.44 10.72 13.23
CA HIS A 31 8.22 11.91 12.91
C HIS A 31 7.47 13.21 13.18
N ALA A 32 6.17 13.22 12.96
CA ALA A 32 5.38 14.43 13.13
C ALA A 32 3.92 14.05 13.21
N ARG A 33 3.15 14.87 13.92
CA ARG A 33 1.72 14.70 14.04
C ARG A 33 1.11 16.09 14.04
N TRP A 34 -0.06 16.21 13.43
CA TRP A 34 -0.78 17.47 13.40
C TRP A 34 -2.26 17.16 13.59
N ASP A 35 -3.11 18.18 13.50
CA ASP A 35 -4.51 17.96 13.87
C ASP A 35 -5.21 16.96 12.97
N SER A 36 -4.73 16.77 11.73
N SER A 36 -4.72 16.73 11.75
CA SER A 36 -5.41 15.92 10.76
CA SER A 36 -5.44 15.87 10.82
C SER A 36 -4.54 14.80 10.18
C SER A 36 -4.53 14.84 10.16
N GLY A 37 -3.38 14.53 10.75
CA GLY A 37 -2.56 13.45 10.21
C GLY A 37 -1.30 13.22 11.00
N ALA A 38 -0.51 12.26 10.50
CA ALA A 38 0.79 11.95 11.09
C ALA A 38 1.67 11.34 10.03
N TYR A 39 2.98 11.52 10.21
CA TYR A 39 3.98 10.89 9.37
C TYR A 39 4.79 9.93 10.22
N LEU A 40 4.92 8.68 9.75
CA LEU A 40 5.71 7.66 10.41
C LEU A 40 6.60 7.01 9.36
N SER A 41 7.64 6.33 9.84
CA SER A 41 8.45 5.52 8.96
C SER A 41 8.67 4.15 9.56
N CYS A 42 8.90 3.19 8.66
CA CYS A 42 9.17 1.80 9.01
C CYS A 42 10.27 1.38 8.04
N GLY A 43 11.51 1.43 8.48
CA GLY A 43 12.60 1.25 7.53
C GLY A 43 12.48 2.31 6.45
N ASP A 44 12.46 1.85 5.19
CA ASP A 44 12.38 2.72 4.03
C ASP A 44 10.97 3.24 3.77
N LEU A 45 9.97 2.68 4.45
CA LEU A 45 8.57 3.01 4.17
C LEU A 45 8.19 4.32 4.85
N TRP A 46 7.64 5.24 4.06
CA TRP A 46 6.99 6.45 4.55
C TRP A 46 5.50 6.18 4.62
N LEU A 47 4.96 6.18 5.84
CA LEU A 47 3.55 5.95 6.11
C LEU A 47 2.91 7.25 6.54
N CYS A 48 1.81 7.61 5.88
N CYS A 48 1.80 7.59 5.90
CA CYS A 48 1.03 8.78 6.28
CA CYS A 48 1.00 8.76 6.24
C CYS A 48 -0.33 8.30 6.78
C CYS A 48 -0.34 8.29 6.77
N LEU A 49 -0.72 8.77 7.95
CA LEU A 49 -2.06 8.58 8.46
C LEU A 49 -2.81 9.87 8.22
N SER A 50 -3.99 9.78 7.61
CA SER A 50 -4.76 10.95 7.22
C SER A 50 -6.15 10.83 7.80
N LEU A 51 -6.55 11.80 8.61
CA LEU A 51 -7.86 11.79 9.23
C LEU A 51 -8.91 12.00 8.17
N ASP A 52 -9.83 11.05 8.04
CA ASP A 52 -10.84 11.08 6.98
C ASP A 52 -12.18 10.65 7.57
N PRO A 53 -13.14 11.58 7.70
CA PRO A 53 -14.45 11.19 8.22
C PRO A 53 -15.21 10.25 7.30
N GLN A 54 -14.76 10.05 6.06
N GLN A 54 -14.75 10.05 6.06
CA GLN A 54 -15.39 9.08 5.19
CA GLN A 54 -15.37 9.09 5.16
C GLN A 54 -14.96 7.64 5.49
C GLN A 54 -14.90 7.66 5.42
N ARG A 55 -13.93 7.45 6.31
CA ARG A 55 -13.45 6.12 6.60
C ARG A 55 -14.47 5.34 7.40
N ARG A 56 -14.84 4.17 6.90
CA ARG A 56 -15.78 3.27 7.55
C ARG A 56 -15.04 2.03 8.02
N VAL A 57 -15.47 1.49 9.16
CA VAL A 57 -14.92 0.23 9.65
C VAL A 57 -15.83 -0.88 9.15
N THR A 58 -15.31 -1.71 8.25
CA THR A 58 -16.05 -2.78 7.61
C THR A 58 -15.54 -4.11 8.14
N PRO A 59 -16.42 -5.07 8.40
CA PRO A 59 -15.92 -6.38 8.82
C PRO A 59 -15.01 -6.95 7.75
N PRO A 60 -13.96 -7.68 8.13
CA PRO A 60 -13.04 -8.20 7.11
C PRO A 60 -13.74 -9.11 6.12
N GLU A 61 -14.88 -9.69 6.48
CA GLU A 61 -15.57 -10.61 5.60
C GLU A 61 -16.26 -9.88 4.47
N GLU A 62 -16.46 -8.56 4.59
N GLU A 62 -16.44 -8.56 4.58
CA GLU A 62 -17.12 -7.80 3.55
CA GLU A 62 -17.14 -7.77 3.58
C GLU A 62 -16.17 -6.95 2.73
C GLU A 62 -16.27 -6.70 2.96
N SER A 63 -14.96 -6.74 3.19
CA SER A 63 -13.99 -5.91 2.49
C SER A 63 -13.16 -6.86 1.62
N ASP A 64 -12.53 -6.29 0.59
CA ASP A 64 -11.77 -7.09 -0.37
C ASP A 64 -10.38 -7.42 0.18
N TYR A 65 -9.61 -8.15 -0.62
CA TYR A 65 -8.34 -8.72 -0.19
C TYR A 65 -7.18 -7.73 -0.24
N THR A 66 -7.42 -6.46 -0.57
CA THR A 66 -6.35 -5.46 -0.56
C THR A 66 -5.71 -5.44 0.82
N HIS A 67 -4.38 -5.53 0.88
CA HIS A 67 -3.70 -5.61 2.16
C HIS A 67 -2.24 -5.20 2.04
N TYR A 68 -1.64 -4.90 3.20
CA TYR A 68 -0.30 -4.33 3.29
C TYR A 68 0.50 -5.22 4.21
N ALA A 69 1.62 -5.73 3.71
CA ALA A 69 2.45 -6.66 4.46
C ALA A 69 3.77 -6.00 4.84
N PHE A 70 4.18 -6.20 6.09
CA PHE A 70 5.42 -5.65 6.61
C PHE A 70 6.42 -6.78 6.79
N SER A 71 7.68 -6.48 6.54
CA SER A 71 8.75 -7.46 6.68
C SER A 71 9.17 -7.60 8.13
N ILE A 72 9.43 -8.84 8.53
CA ILE A 72 9.97 -9.17 9.84
C ILE A 72 10.88 -10.37 9.68
N SER A 73 11.87 -10.48 10.56
CA SER A 73 12.83 -11.55 10.44
C SER A 73 12.27 -12.86 10.99
N GLU A 74 12.88 -13.96 10.53
CA GLU A 74 12.49 -15.28 11.01
C GLU A 74 12.57 -15.37 12.53
N ALA A 75 13.57 -14.71 13.12
CA ALA A 75 13.80 -14.84 14.56
C ALA A 75 12.76 -14.09 15.37
N ASP A 76 12.17 -13.05 14.80
CA ASP A 76 11.25 -12.19 15.51
C ASP A 76 9.78 -12.50 15.22
N PHE A 77 9.50 -13.27 14.17
CA PHE A 77 8.14 -13.44 13.69
C PHE A 77 7.22 -13.96 14.78
N ALA A 78 7.56 -15.08 15.40
CA ALA A 78 6.62 -15.73 16.30
C ALA A 78 6.36 -14.88 17.54
N SER A 79 7.41 -14.25 18.09
N SER A 79 7.41 -14.26 18.09
CA SER A 79 7.22 -13.45 19.29
CA SER A 79 7.26 -13.44 19.27
C SER A 79 6.43 -12.18 18.99
C SER A 79 6.42 -12.20 18.99
N PHE A 80 6.62 -11.58 17.81
CA PHE A 80 5.85 -10.39 17.46
C PHE A 80 4.37 -10.76 17.26
N ALA A 81 4.10 -11.86 16.55
CA ALA A 81 2.73 -12.30 16.38
C ALA A 81 2.07 -12.61 17.72
N ALA A 82 2.81 -13.21 18.64
CA ALA A 82 2.24 -13.52 19.95
C ALA A 82 1.87 -12.25 20.71
N ARG A 83 2.69 -11.21 20.57
CA ARG A 83 2.41 -9.95 21.25
C ARG A 83 1.16 -9.28 20.70
N LEU A 84 0.94 -9.39 19.38
CA LEU A 84 -0.29 -8.84 18.81
C LEU A 84 -1.52 -9.59 19.32
N GLU A 85 -1.44 -10.93 19.38
CA GLU A 85 -2.58 -11.68 19.90
C GLU A 85 -2.84 -11.34 21.36
N ALA A 86 -1.79 -11.21 22.16
CA ALA A 86 -1.98 -10.88 23.56
C ALA A 86 -2.59 -9.49 23.74
N ALA A 87 -2.37 -8.60 22.78
CA ALA A 87 -2.93 -7.26 22.84
C ALA A 87 -4.36 -7.20 22.31
N GLY A 88 -4.92 -8.33 21.88
CA GLY A 88 -6.30 -8.35 21.45
C GLY A 88 -6.53 -7.89 20.03
N VAL A 89 -5.48 -7.85 19.21
CA VAL A 89 -5.63 -7.41 17.82
C VAL A 89 -6.41 -8.47 17.05
N ALA A 90 -7.39 -8.03 16.28
CA ALA A 90 -8.25 -8.94 15.52
C ALA A 90 -7.51 -9.47 14.30
N VAL A 91 -7.93 -10.66 13.87
N VAL A 91 -7.95 -10.65 13.84
CA VAL A 91 -7.33 -11.31 12.73
CA VAL A 91 -7.29 -11.37 12.76
C VAL A 91 -8.31 -11.26 11.55
C VAL A 91 -8.29 -11.65 11.63
N TRP A 92 -7.80 -11.62 10.39
CA TRP A 92 -8.61 -11.83 9.20
C TRP A 92 -8.01 -13.00 8.43
N LYS A 93 -8.69 -13.46 7.39
CA LYS A 93 -8.23 -14.63 6.65
C LYS A 93 -8.15 -14.38 5.14
N LEU A 94 -7.03 -14.80 4.54
CA LEU A 94 -6.86 -14.76 3.10
C LEU A 94 -7.27 -16.09 2.50
N ASN A 95 -7.57 -16.08 1.20
CA ASN A 95 -8.06 -17.28 0.52
C ASN A 95 -6.95 -18.26 0.15
N ARG A 96 -5.69 -17.86 0.25
CA ARG A 96 -4.58 -18.65 -0.25
C ARG A 96 -3.42 -18.54 0.73
N SER A 97 -2.59 -19.58 0.75
CA SER A 97 -1.36 -19.53 1.53
C SER A 97 -0.26 -18.85 0.71
N GLU A 98 0.49 -17.99 1.38
CA GLU A 98 1.62 -17.32 0.77
C GLU A 98 2.84 -17.37 1.67
N GLY A 99 3.02 -18.46 2.43
CA GLY A 99 4.21 -18.66 3.22
C GLY A 99 4.01 -18.29 4.67
N ALA A 100 5.07 -17.85 5.34
CA ALA A 100 5.02 -17.55 6.77
C ALA A 100 4.46 -16.15 6.96
N SER A 101 3.18 -16.08 7.34
CA SER A 101 2.48 -14.82 7.49
C SER A 101 1.54 -14.85 8.69
N HIS A 102 1.32 -13.67 9.26
CA HIS A 102 0.31 -13.46 10.28
C HIS A 102 -0.56 -12.30 9.82
N TYR A 103 -1.87 -12.49 9.81
CA TYR A 103 -2.82 -11.53 9.27
C TYR A 103 -3.59 -10.86 10.39
N PHE A 104 -3.57 -9.52 10.40
CA PHE A 104 -4.22 -8.78 11.48
C PHE A 104 -4.80 -7.48 10.95
N LEU A 105 -5.72 -6.91 11.73
CA LEU A 105 -6.44 -5.71 11.33
C LEU A 105 -5.98 -4.53 12.18
N ASP A 106 -5.99 -3.33 11.58
CA ASP A 106 -5.70 -2.11 12.32
C ASP A 106 -7.04 -1.60 12.85
N PRO A 107 -7.04 -0.52 13.62
CA PRO A 107 -8.29 -0.08 14.27
C PRO A 107 -9.38 0.34 13.32
N ASP A 108 -9.04 0.66 12.07
CA ASP A 108 -10.02 1.08 11.07
C ASP A 108 -10.33 -0.02 10.08
N GLY A 109 -9.87 -1.23 10.33
CA GLY A 109 -10.17 -2.33 9.44
C GLY A 109 -9.25 -2.47 8.25
N HIS A 110 -8.16 -1.70 8.19
CA HIS A 110 -7.17 -1.96 7.16
C HIS A 110 -6.54 -3.32 7.41
N LYS A 111 -6.33 -4.07 6.33
CA LYS A 111 -5.82 -5.43 6.42
C LYS A 111 -4.31 -5.40 6.35
N LEU A 112 -3.67 -5.85 7.43
CA LEU A 112 -2.22 -5.88 7.58
C LEU A 112 -1.73 -7.32 7.66
N GLU A 113 -0.42 -7.47 7.51
CA GLU A 113 0.23 -8.77 7.48
C GLU A 113 1.67 -8.62 7.93
N LEU A 114 2.15 -9.58 8.72
CA LEU A 114 3.57 -9.79 8.94
C LEU A 114 4.00 -10.91 8.03
N HIS A 115 5.08 -10.72 7.28
CA HIS A 115 5.54 -11.76 6.38
C HIS A 115 7.05 -11.92 6.46
N VAL A 116 7.49 -13.18 6.49
CA VAL A 116 8.91 -13.51 6.43
C VAL A 116 9.21 -13.99 5.02
N GLY A 117 10.09 -13.26 4.33
CA GLY A 117 10.56 -13.70 3.04
C GLY A 117 10.40 -12.68 1.94
N SER A 118 11.23 -12.80 0.92
CA SER A 118 11.28 -11.87 -0.21
C SER A 118 10.49 -12.41 -1.38
N LEU A 119 10.35 -11.57 -2.41
CA LEU A 119 9.71 -12.00 -3.65
C LEU A 119 10.49 -13.15 -4.27
N ALA A 120 11.82 -13.07 -4.26
CA ALA A 120 12.63 -14.13 -4.82
C ALA A 120 12.37 -15.45 -4.11
N GLN A 121 12.25 -15.41 -2.77
CA GLN A 121 11.98 -16.64 -2.03
C GLN A 121 10.58 -17.18 -2.35
N ARG A 122 9.61 -16.28 -2.51
N ARG A 122 9.61 -16.29 -2.51
CA ARG A 122 8.27 -16.70 -2.85
CA ARG A 122 8.26 -16.74 -2.84
C ARG A 122 8.23 -17.39 -4.22
C ARG A 122 8.22 -17.39 -4.22
N LEU A 123 8.90 -16.80 -5.21
CA LEU A 123 8.94 -17.41 -6.53
C LEU A 123 9.56 -18.80 -6.48
N ALA A 124 10.64 -18.97 -5.70
CA ALA A 124 11.26 -20.29 -5.59
C ALA A 124 10.30 -21.28 -4.95
N ALA A 125 9.57 -20.85 -3.92
CA ALA A 125 8.59 -21.73 -3.29
C ALA A 125 7.49 -22.11 -4.26
N CYS A 126 7.02 -21.14 -5.07
CA CYS A 126 5.94 -21.42 -6.00
C CYS A 126 6.38 -22.35 -7.12
N ARG A 127 7.65 -22.30 -7.50
CA ARG A 127 8.14 -23.25 -8.51
C ARG A 127 8.01 -24.68 -8.02
N GLU A 128 8.16 -24.91 -6.71
N GLU A 128 8.16 -24.90 -6.71
CA GLU A 128 8.05 -26.25 -6.15
CA GLU A 128 8.05 -26.24 -6.14
C GLU A 128 6.60 -26.67 -5.96
C GLU A 128 6.60 -26.67 -5.94
N GLN A 129 5.69 -25.72 -5.72
CA GLN A 129 4.27 -26.01 -5.57
C GLN A 129 3.49 -24.86 -6.18
N PRO A 130 3.30 -24.87 -7.48
CA PRO A 130 2.70 -23.71 -8.13
C PRO A 130 1.22 -23.56 -7.86
N TYR A 131 0.76 -22.30 -7.90
CA TYR A 131 -0.67 -22.06 -7.92
C TYR A 131 -1.24 -22.55 -9.25
N LYS A 132 -2.56 -22.73 -9.28
CA LYS A 132 -3.24 -23.20 -10.48
C LYS A 132 -2.97 -22.27 -11.66
N GLY A 133 -2.54 -22.85 -12.77
CA GLY A 133 -2.33 -22.08 -13.99
C GLY A 133 -1.10 -21.19 -13.99
N MET A 134 -0.14 -21.46 -13.11
CA MET A 134 0.97 -20.52 -12.96
C MET A 134 1.95 -20.58 -14.11
N VAL A 135 2.39 -19.40 -14.54
CA VAL A 135 3.44 -19.23 -15.52
C VAL A 135 4.47 -18.26 -14.95
N PHE A 136 5.74 -18.55 -15.17
CA PHE A 136 6.85 -17.73 -14.72
C PHE A 136 7.51 -17.06 -15.92
N PHE A 137 7.90 -15.80 -15.74
CA PHE A 137 8.55 -15.05 -16.82
C PHE A 137 10.02 -14.81 -16.52
N MET B 1 11.08 -6.69 15.28
CA MET B 1 10.99 -5.31 14.72
C MET B 1 10.68 -5.36 13.24
N LEU B 2 9.78 -4.48 12.80
CA LEU B 2 9.42 -4.41 11.39
C LEU B 2 10.47 -3.63 10.64
N SER B 3 10.84 -4.11 9.45
CA SER B 3 11.96 -3.54 8.72
C SER B 3 11.57 -2.82 7.44
N GLY B 4 10.28 -2.79 7.09
CA GLY B 4 9.84 -2.09 5.90
C GLY B 4 8.59 -2.75 5.34
N LEU B 5 8.20 -2.29 4.16
CA LEU B 5 7.06 -2.88 3.48
C LEU B 5 7.54 -4.11 2.73
N ASN B 6 6.88 -5.23 2.99
CA ASN B 6 7.23 -6.47 2.31
C ASN B 6 6.53 -6.59 0.96
N HIS B 7 5.21 -6.41 0.94
CA HIS B 7 4.48 -6.37 -0.32
C HIS B 7 3.19 -5.59 -0.17
N LEU B 8 2.69 -5.11 -1.31
CA LEU B 8 1.41 -4.42 -1.42
C LEU B 8 0.53 -5.30 -2.29
N THR B 9 -0.63 -5.68 -1.79
CA THR B 9 -1.57 -6.49 -2.55
C THR B 9 -2.82 -5.68 -2.84
N LEU B 10 -3.17 -5.59 -4.12
CA LEU B 10 -4.40 -4.93 -4.56
C LEU B 10 -5.38 -5.99 -5.04
N ALA B 11 -6.61 -5.91 -4.54
CA ALA B 11 -7.69 -6.75 -5.06
C ALA B 11 -8.17 -6.17 -6.38
N VAL B 12 -8.34 -7.02 -7.37
CA VAL B 12 -8.75 -6.60 -8.70
C VAL B 12 -9.95 -7.42 -9.14
N SER B 13 -10.80 -6.81 -9.96
CA SER B 13 -12.01 -7.48 -10.44
C SER B 13 -11.78 -8.32 -11.69
N GLN B 14 -10.78 -7.94 -12.50
CA GLN B 14 -10.44 -8.64 -13.75
C GLN B 14 -8.92 -8.61 -13.90
N LEU B 15 -8.31 -9.76 -14.06
CA LEU B 15 -6.85 -9.80 -14.05
C LEU B 15 -6.24 -9.17 -15.30
N ALA B 16 -6.79 -9.46 -16.48
CA ALA B 16 -6.15 -9.00 -17.70
C ALA B 16 -6.02 -7.48 -17.79
N PRO B 17 -7.07 -6.69 -17.56
N PRO B 17 -7.07 -6.68 -17.58
CA PRO B 17 -6.86 -5.23 -17.63
CA PRO B 17 -6.90 -5.23 -17.65
C PRO B 17 -5.93 -4.70 -16.56
C PRO B 17 -5.98 -4.69 -16.57
N SER B 18 -5.89 -5.34 -15.39
N SER B 18 -5.90 -5.36 -15.41
CA SER B 18 -4.99 -4.86 -14.35
CA SER B 18 -5.01 -4.89 -14.36
C SER B 18 -3.54 -5.17 -14.69
C SER B 18 -3.55 -5.17 -14.72
N VAL B 19 -3.26 -6.35 -15.25
CA VAL B 19 -1.89 -6.64 -15.68
C VAL B 19 -1.48 -5.67 -16.77
N ALA B 20 -2.38 -5.39 -17.73
CA ALA B 20 -2.06 -4.44 -18.79
C ALA B 20 -1.72 -3.08 -18.22
N PHE B 21 -2.49 -2.64 -17.23
CA PHE B 21 -2.26 -1.32 -16.62
C PHE B 21 -0.92 -1.27 -15.91
N TYR B 22 -0.64 -2.22 -15.02
CA TYR B 22 0.57 -2.15 -14.23
C TYR B 22 1.82 -2.52 -15.04
N GLN B 23 1.73 -3.54 -15.89
CA GLN B 23 2.90 -3.94 -16.66
C GLN B 23 3.12 -3.02 -17.86
N GLN B 24 2.10 -2.88 -18.72
CA GLN B 24 2.34 -2.20 -19.98
C GLN B 24 2.27 -0.68 -19.84
N LEU B 25 1.25 -0.16 -19.17
CA LEU B 25 1.13 1.29 -19.07
C LEU B 25 2.14 1.86 -18.06
N LEU B 26 2.22 1.28 -16.87
N LEU B 26 2.22 1.28 -16.87
CA LEU B 26 3.11 1.81 -15.85
CA LEU B 26 3.10 1.81 -15.85
C LEU B 26 4.53 1.26 -15.92
C LEU B 26 4.52 1.25 -15.91
N GLY B 27 4.76 0.19 -16.68
CA GLY B 27 6.11 -0.28 -16.88
C GLY B 27 6.68 -1.18 -15.81
N MET B 28 5.83 -1.76 -14.97
CA MET B 28 6.35 -2.67 -13.96
C MET B 28 6.70 -4.03 -14.58
N THR B 29 7.57 -4.75 -13.90
CA THR B 29 8.06 -6.04 -14.35
C THR B 29 7.12 -7.13 -13.86
N LEU B 30 6.63 -7.96 -14.79
CA LEU B 30 5.77 -9.08 -14.45
C LEU B 30 6.64 -10.32 -14.24
N HIS B 31 6.57 -10.89 -13.04
CA HIS B 31 7.38 -12.06 -12.73
C HIS B 31 6.62 -13.36 -12.86
N ALA B 32 5.32 -13.37 -12.56
CA ALA B 32 4.56 -14.60 -12.60
C ALA B 32 3.09 -14.25 -12.60
N ARG B 33 2.28 -15.11 -13.20
CA ARG B 33 0.84 -14.98 -13.14
C ARG B 33 0.23 -16.35 -13.02
N TRP B 34 -0.95 -16.40 -12.42
CA TRP B 34 -1.70 -17.64 -12.26
C TRP B 34 -3.16 -17.30 -12.41
N ASP B 35 -4.02 -18.30 -12.24
CA ASP B 35 -5.42 -18.12 -12.59
C ASP B 35 -6.08 -17.02 -11.77
N SER B 36 -5.56 -16.70 -10.58
CA SER B 36 -6.19 -15.72 -9.71
C SER B 36 -5.24 -14.66 -9.20
N GLY B 37 -4.11 -14.43 -9.85
CA GLY B 37 -3.24 -13.35 -9.39
C GLY B 37 -2.01 -13.16 -10.27
N ALA B 38 -1.20 -12.18 -9.87
CA ALA B 38 0.06 -11.91 -10.54
C ALA B 38 1.02 -11.26 -9.55
N TYR B 39 2.31 -11.49 -9.77
CA TYR B 39 3.37 -10.83 -9.01
C TYR B 39 4.14 -9.91 -9.94
N LEU B 40 4.28 -8.65 -9.56
CA LEU B 40 5.06 -7.68 -10.30
C LEU B 40 6.03 -7.00 -9.35
N SER B 41 7.04 -6.34 -9.90
CA SER B 41 7.93 -5.53 -9.10
C SER B 41 8.12 -4.17 -9.76
N CYS B 42 8.42 -3.19 -8.93
CA CYS B 42 8.64 -1.82 -9.35
C CYS B 42 9.78 -1.35 -8.44
N GLY B 43 11.01 -1.35 -8.96
CA GLY B 43 12.13 -1.16 -8.08
C GLY B 43 12.10 -2.21 -6.99
N ASP B 44 12.19 -1.75 -5.73
N ASP B 44 12.17 -1.76 -5.74
CA ASP B 44 12.14 -2.62 -4.56
CA ASP B 44 12.14 -2.67 -4.59
C ASP B 44 10.74 -3.11 -4.23
C ASP B 44 10.73 -2.91 -4.07
N LEU B 45 9.70 -2.47 -4.77
CA LEU B 45 8.33 -2.81 -4.43
C LEU B 45 7.91 -4.14 -5.05
N TRP B 46 7.38 -5.02 -4.20
CA TRP B 46 6.70 -6.25 -4.62
C TRP B 46 5.20 -5.97 -4.60
N LEU B 47 4.59 -6.00 -5.79
CA LEU B 47 3.16 -5.76 -5.95
C LEU B 47 2.48 -7.08 -6.30
N CYS B 48 1.42 -7.39 -5.58
N CYS B 48 1.41 -7.39 -5.59
CA CYS B 48 0.60 -8.54 -5.91
CA CYS B 48 0.57 -8.53 -5.88
C CYS B 48 -0.78 -8.07 -6.34
C CYS B 48 -0.78 -8.05 -6.35
N LEU B 49 -1.25 -8.59 -7.49
CA LEU B 49 -2.62 -8.41 -7.92
C LEU B 49 -3.38 -9.69 -7.58
N SER B 50 -4.49 -9.55 -6.86
CA SER B 50 -5.25 -10.69 -6.39
C SER B 50 -6.67 -10.59 -6.93
N LEU B 51 -7.05 -11.55 -7.77
CA LEU B 51 -8.41 -11.56 -8.31
C LEU B 51 -9.39 -11.83 -7.18
N ASP B 52 -10.38 -10.96 -7.05
CA ASP B 52 -11.28 -11.00 -5.91
C ASP B 52 -12.71 -10.74 -6.35
N PRO B 53 -13.61 -11.73 -6.22
N PRO B 53 -13.60 -11.74 -6.28
CA PRO B 53 -15.01 -11.50 -6.63
CA PRO B 53 -15.01 -11.49 -6.63
C PRO B 53 -15.73 -10.46 -5.77
C PRO B 53 -15.65 -10.35 -5.85
N GLN B 54 -15.10 -10.01 -4.68
CA GLN B 54 -15.68 -8.98 -3.83
C GLN B 54 -15.27 -7.58 -4.26
N ARG B 55 -14.28 -7.45 -5.13
CA ARG B 55 -13.84 -6.12 -5.55
C ARG B 55 -14.83 -5.54 -6.55
N ARG B 56 -15.28 -4.33 -6.27
CA ARG B 56 -16.09 -3.54 -7.18
C ARG B 56 -15.24 -2.43 -7.77
N VAL B 57 -15.54 -2.07 -9.02
CA VAL B 57 -14.98 -0.87 -9.62
C VAL B 57 -15.58 0.33 -8.88
N THR B 58 -14.73 1.07 -8.19
CA THR B 58 -15.23 2.03 -7.19
C THR B 58 -14.96 3.45 -7.64
N PRO B 59 -15.98 4.28 -7.84
N PRO B 59 -15.99 4.29 -7.80
CA PRO B 59 -15.73 5.68 -8.20
CA PRO B 59 -15.74 5.68 -8.19
C PRO B 59 -15.04 6.40 -7.07
C PRO B 59 -15.06 6.42 -7.06
N PRO B 60 -14.26 7.43 -7.37
CA PRO B 60 -13.43 8.06 -6.32
C PRO B 60 -14.23 8.75 -5.25
N GLU B 61 -15.45 9.18 -5.55
CA GLU B 61 -16.32 9.77 -4.54
C GLU B 61 -16.77 8.76 -3.50
N GLU B 62 -16.74 7.46 -3.81
CA GLU B 62 -17.25 6.43 -2.91
C GLU B 62 -16.16 5.72 -2.12
N SER B 63 -14.89 6.12 -2.27
CA SER B 63 -13.81 5.56 -1.48
C SER B 63 -13.17 6.67 -0.66
N ASP B 64 -12.44 6.26 0.38
CA ASP B 64 -11.76 7.21 1.25
C ASP B 64 -10.40 7.58 0.65
N TYR B 65 -9.61 8.33 1.42
CA TYR B 65 -8.37 8.92 0.94
C TYR B 65 -7.19 7.95 0.90
N THR B 66 -7.38 6.71 1.33
CA THR B 66 -6.30 5.72 1.25
C THR B 66 -5.75 5.67 -0.18
N HIS B 67 -4.43 5.80 -0.30
CA HIS B 67 -3.81 5.82 -1.63
C HIS B 67 -2.35 5.40 -1.57
N TYR B 68 -1.81 5.11 -2.76
CA TYR B 68 -0.48 4.54 -2.93
C TYR B 68 0.29 5.41 -3.90
N ALA B 69 1.43 5.93 -3.45
CA ALA B 69 2.22 6.84 -4.26
C ALA B 69 3.50 6.16 -4.72
N PHE B 70 3.81 6.31 -5.99
CA PHE B 70 5.01 5.77 -6.61
C PHE B 70 6.04 6.88 -6.81
N SER B 71 7.30 6.51 -6.65
CA SER B 71 8.42 7.42 -6.84
C SER B 71 8.75 7.60 -8.31
N ILE B 72 9.04 8.85 -8.68
CA ILE B 72 9.49 9.21 -10.02
C ILE B 72 10.37 10.44 -9.89
N SER B 73 11.31 10.61 -10.83
CA SER B 73 12.16 11.80 -10.82
C SER B 73 11.39 12.98 -11.40
N GLU B 74 11.82 14.19 -11.04
CA GLU B 74 11.18 15.39 -11.58
C GLU B 74 11.33 15.44 -13.10
N ALA B 75 12.48 14.99 -13.61
CA ALA B 75 12.71 15.05 -15.05
C ALA B 75 11.74 14.16 -15.83
N ASP B 76 11.29 13.07 -15.23
CA ASP B 76 10.41 12.13 -15.92
C ASP B 76 8.93 12.40 -15.65
N PHE B 77 8.62 13.29 -14.70
CA PHE B 77 7.26 13.44 -14.20
C PHE B 77 6.30 13.87 -15.29
N ALA B 78 6.62 14.94 -16.01
CA ALA B 78 5.66 15.50 -16.97
C ALA B 78 5.38 14.52 -18.10
N SER B 79 6.41 13.86 -18.62
N SER B 79 6.42 13.86 -18.62
CA SER B 79 6.19 12.92 -19.72
CA SER B 79 6.23 12.90 -19.70
C SER B 79 5.39 11.70 -19.27
C SER B 79 5.38 11.72 -19.26
N PHE B 80 5.59 11.24 -18.04
CA PHE B 80 4.82 10.10 -17.55
C PHE B 80 3.36 10.49 -17.34
N ALA B 81 3.11 11.68 -16.77
CA ALA B 81 1.75 12.15 -16.61
C ALA B 81 1.06 12.30 -17.97
N ALA B 82 1.79 12.77 -18.98
CA ALA B 82 1.22 12.93 -20.31
C ALA B 82 0.87 11.57 -20.92
N ARG B 83 1.65 10.53 -20.63
CA ARG B 83 1.35 9.19 -21.10
C ARG B 83 0.04 8.69 -20.50
N LEU B 84 -0.15 8.94 -19.22
CA LEU B 84 -1.41 8.54 -18.58
C LEU B 84 -2.58 9.31 -19.16
N GLU B 85 -2.38 10.59 -19.47
N GLU B 85 -2.38 10.61 -19.45
CA GLU B 85 -3.47 11.38 -20.04
CA GLU B 85 -3.44 11.39 -20.05
C GLU B 85 -3.83 10.86 -21.43
C GLU B 85 -3.83 10.83 -21.41
N ALA B 86 -2.84 10.47 -22.22
CA ALA B 86 -3.13 9.96 -23.56
C ALA B 86 -3.92 8.67 -23.49
N ALA B 87 -3.65 7.84 -22.50
CA ALA B 87 -4.35 6.58 -22.32
C ALA B 87 -5.72 6.75 -21.69
N GLY B 88 -6.12 7.97 -21.36
CA GLY B 88 -7.45 8.19 -20.80
C GLY B 88 -7.59 7.87 -19.34
N VAL B 89 -6.49 7.85 -18.59
CA VAL B 89 -6.54 7.50 -17.18
C VAL B 89 -7.14 8.66 -16.39
N ALA B 90 -8.10 8.36 -15.52
CA ALA B 90 -8.82 9.39 -14.79
C ALA B 90 -7.99 9.96 -13.65
N VAL B 91 -8.19 11.24 -13.39
CA VAL B 91 -7.56 11.98 -12.29
C VAL B 91 -8.59 12.15 -11.18
N TRP B 92 -8.19 11.90 -9.94
CA TRP B 92 -9.13 11.96 -8.83
C TRP B 92 -8.93 13.18 -7.93
N LYS B 93 -7.87 13.96 -8.14
CA LYS B 93 -7.57 15.10 -7.29
C LYS B 93 -6.57 15.98 -8.04
N LEU B 94 -6.71 17.30 -7.87
CA LEU B 94 -5.70 18.24 -8.34
C LEU B 94 -4.66 18.45 -7.25
N ASN B 95 -3.41 18.57 -7.65
CA ASN B 95 -2.36 18.90 -6.70
C ASN B 95 -2.50 20.36 -6.29
N ARG B 96 -2.71 20.62 -5.01
CA ARG B 96 -2.88 21.97 -4.53
C ARG B 96 -1.77 22.40 -3.58
N SER B 97 -0.72 21.59 -3.48
CA SER B 97 0.42 21.87 -2.63
C SER B 97 1.65 22.19 -3.47
N GLU B 98 2.69 22.63 -2.79
CA GLU B 98 4.02 22.68 -3.40
C GLU B 98 4.59 21.28 -3.47
N GLY B 99 5.21 20.97 -4.58
CA GLY B 99 5.68 19.62 -4.82
C GLY B 99 4.89 18.96 -5.94
N ALA B 100 5.55 18.07 -6.66
CA ALA B 100 4.97 17.48 -7.85
C ALA B 100 4.22 16.20 -7.47
N SER B 101 2.92 16.20 -7.72
CA SER B 101 2.08 15.05 -7.52
C SER B 101 1.04 14.99 -8.62
N HIS B 102 0.76 13.78 -9.08
CA HIS B 102 -0.27 13.49 -10.06
C HIS B 102 -1.12 12.37 -9.49
N TYR B 103 -2.42 12.60 -9.40
CA TYR B 103 -3.33 11.68 -8.72
C TYR B 103 -4.22 10.99 -9.75
N PHE B 104 -4.06 9.67 -9.88
CA PHE B 104 -4.74 8.94 -10.94
C PHE B 104 -5.33 7.64 -10.39
N LEU B 105 -6.29 7.09 -11.14
CA LEU B 105 -7.02 5.91 -10.73
C LEU B 105 -6.62 4.69 -11.55
N ASP B 106 -6.62 3.52 -10.91
CA ASP B 106 -6.39 2.27 -11.62
C ASP B 106 -7.73 1.74 -12.12
N PRO B 107 -7.75 0.65 -12.89
CA PRO B 107 -9.00 0.19 -13.50
C PRO B 107 -10.09 -0.18 -12.50
N ASP B 108 -9.74 -0.52 -11.27
CA ASP B 108 -10.72 -0.86 -10.24
C ASP B 108 -11.00 0.31 -9.31
N GLY B 109 -10.43 1.48 -9.58
CA GLY B 109 -10.60 2.61 -8.72
C GLY B 109 -9.66 2.69 -7.54
N HIS B 110 -8.59 1.90 -7.51
CA HIS B 110 -7.58 2.16 -6.50
C HIS B 110 -6.96 3.52 -6.77
N LYS B 111 -6.73 4.26 -5.70
CA LYS B 111 -6.21 5.63 -5.78
C LYS B 111 -4.69 5.61 -5.76
N LEU B 112 -4.10 6.09 -6.85
CA LEU B 112 -2.66 6.09 -7.04
C LEU B 112 -2.16 7.52 -7.17
N GLU B 113 -0.84 7.67 -7.05
CA GLU B 113 -0.19 8.97 -7.12
C GLU B 113 1.22 8.80 -7.65
N LEU B 114 1.65 9.75 -8.47
CA LEU B 114 3.05 9.92 -8.79
C LEU B 114 3.55 11.05 -7.91
N HIS B 115 4.65 10.84 -7.21
CA HIS B 115 5.18 11.90 -6.37
C HIS B 115 6.68 11.99 -6.50
N VAL B 116 7.18 13.22 -6.54
CA VAL B 116 8.60 13.52 -6.51
C VAL B 116 8.94 14.03 -5.12
N GLY B 117 9.89 13.37 -4.47
CA GLY B 117 10.37 13.88 -3.21
C GLY B 117 10.27 12.88 -2.09
N SER B 118 11.09 13.07 -1.07
CA SER B 118 11.22 12.14 0.03
C SER B 118 10.52 12.64 1.28
N LEU B 119 10.48 11.78 2.29
CA LEU B 119 9.99 12.18 3.60
C LEU B 119 10.85 13.31 4.18
N ALA B 120 12.17 13.22 4.03
CA ALA B 120 13.01 14.27 4.60
C ALA B 120 12.72 15.63 3.97
N GLN B 121 12.47 15.66 2.66
N GLN B 121 12.47 15.66 2.66
CA GLN B 121 12.12 16.92 2.02
CA GLN B 121 12.12 16.92 2.02
C GLN B 121 10.79 17.45 2.54
C GLN B 121 10.79 17.45 2.53
N ARG B 122 9.80 16.56 2.72
CA ARG B 122 8.51 16.99 3.23
C ARG B 122 8.64 17.55 4.64
N LEU B 123 9.42 16.89 5.50
CA LEU B 123 9.58 17.36 6.87
C LEU B 123 10.23 18.74 6.90
N ALA B 124 11.22 18.97 6.03
CA ALA B 124 11.88 20.27 5.97
C ALA B 124 10.91 21.36 5.53
N ALA B 125 10.07 21.08 4.54
CA ALA B 125 9.07 22.05 4.11
C ALA B 125 8.08 22.33 5.23
N CYS B 126 7.67 21.30 5.98
CA CYS B 126 6.73 21.51 7.06
C CYS B 126 7.33 22.28 8.23
N ARG B 127 8.63 22.09 8.49
CA ARG B 127 9.27 22.89 9.54
C ARG B 127 9.19 24.37 9.21
N GLU B 128 9.28 24.73 7.93
CA GLU B 128 9.21 26.12 7.52
C GLU B 128 7.79 26.66 7.60
N GLN B 129 6.80 25.84 7.26
CA GLN B 129 5.40 26.25 7.21
C GLN B 129 4.57 25.09 7.74
N PRO B 130 4.46 24.96 9.07
CA PRO B 130 3.81 23.79 9.64
C PRO B 130 2.31 23.79 9.43
N TYR B 131 1.77 22.58 9.34
CA TYR B 131 0.33 22.41 9.40
C TYR B 131 -0.19 22.81 10.78
N LYS B 132 -1.50 23.09 10.84
CA LYS B 132 -2.15 23.44 12.09
C LYS B 132 -1.98 22.31 13.10
N GLY B 133 -1.48 22.65 14.29
CA GLY B 133 -1.33 21.67 15.34
C GLY B 133 -0.10 20.80 15.24
N MET B 134 0.86 21.17 14.41
CA MET B 134 1.94 20.23 14.12
C MET B 134 3.03 20.26 15.18
N VAL B 135 3.40 19.06 15.60
CA VAL B 135 4.46 18.78 16.56
C VAL B 135 5.43 17.83 15.89
N PHE B 136 6.71 18.05 16.11
CA PHE B 136 7.76 17.21 15.57
C PHE B 136 8.39 16.39 16.69
N PHE B 137 8.90 15.21 16.33
CA PHE B 137 9.56 14.33 17.29
C PHE B 137 10.96 13.95 16.84
MN MN C . 0.08 -10.89 1.62
C10 VOB D . -2.03 14.74 22.24
C13 VOB D . -0.23 15.51 20.27
C01 VOB D . -8.53 16.31 19.31
C02 VOB D . -7.39 16.83 18.49
C04 VOB D . -6.91 18.89 19.73
C05 VOB D . -5.86 19.82 20.28
C06 VOB D . -5.74 16.80 20.29
C07 VOB D . -4.23 16.85 20.22
C09 VOB D . -2.41 15.65 21.27
C11 VOB D . -0.76 14.20 22.23
C12 VOB D . 0.12 14.60 21.25
C14 VOB D . -1.51 16.04 20.29
N03 VOB D . -6.39 17.60 19.25
N15 VOB D . 1.46 14.00 21.21
O08 VOB D . -3.71 16.09 21.33
O16 VOB D . 2.31 14.56 20.53
O17 VOB D . 1.65 12.98 21.84
H1 VOB D . -2.65 14.45 22.95
H2 VOB D . 0.41 15.77 19.58
H3 VOB D . -8.22 15.59 19.89
H4 VOB D . -8.90 17.04 19.85
H5 VOB D . -9.23 15.96 18.71
H6 VOB D . -6.96 16.08 18.02
H7 VOB D . -7.74 17.37 17.75
H8 VOB D . -7.59 18.74 20.43
H9 VOB D . -7.37 19.36 19.00
H10 VOB D . -5.53 19.49 21.14
H11 VOB D . -5.10 19.88 19.67
H12 VOB D . -6.22 20.72 20.42
H13 VOB D . -6.02 15.87 20.22
H14 VOB D . -6.02 17.12 21.18
H15 VOB D . -3.92 16.48 19.38
H16 VOB D . -3.93 17.78 20.28
H17 VOB D . -0.49 13.56 22.92
H18 VOB D . -1.79 16.68 19.61
MN MN E . 0.00 11.12 -1.20
#